data_3IM8
#
_entry.id   3IM8
#
_cell.length_a   48.263
_cell.length_b   63.508
_cell.length_c   89.892
_cell.angle_alpha   90.00
_cell.angle_beta   90.00
_cell.angle_gamma   90.00
#
_symmetry.space_group_name_H-M   'P 21 21 21'
#
loop_
_entity.id
_entity.type
_entity.pdbx_description
1 polymer 'Malonyl acyl carrier protein transacylase'
2 non-polymer 'ACETATE ION'
3 water water
#
_entity_poly.entity_id   1
_entity_poly.type   'polypeptide(L)'
_entity_poly.pdbx_seq_one_letter_code
;MTKTAFLFAGQGAQYLGMGRDFYDQYPIVKETIDRASQVLGYDLRYLIDTEEDKLNQTRYTQPAILATSVAIYRLLQEKG
YQPDMVAGLSLGEYSALVASGALDFEDAVALVAKRGAYMEEAAPADSGKMVAVLNTPVEVIEEACQKASELGVVTPANYN
TPAQIVIAGEVVAVDRAVELLQEAGAKRLIPLKVSGPFHTSLLEPASQKLAETLAQVSFSDFTCPLVGNTEAAVMQKEDI
AQLLTRQVKEPVRFYESIGVMQEAGISNFIEIGPGKVLSGFVKKIDQTAHLAHVEDQASLVALLEKL
;
_entity_poly.pdbx_strand_id   A
#
# COMPACT_ATOMS: atom_id res chain seq x y z
N LYS A 3 -4.18 2.86 -21.38
CA LYS A 3 -2.79 2.35 -21.71
C LYS A 3 -1.85 2.12 -20.49
N THR A 4 -1.62 3.12 -19.64
CA THR A 4 -0.64 2.95 -18.52
C THR A 4 -1.27 3.12 -17.12
N ALA A 5 -0.97 2.20 -16.18
CA ALA A 5 -1.31 2.38 -14.73
C ALA A 5 -0.07 2.59 -13.83
N PHE A 6 -0.15 3.56 -12.89
CA PHE A 6 0.87 3.73 -11.85
C PHE A 6 0.40 2.95 -10.60
N LEU A 7 1.31 2.15 -10.05
CA LEU A 7 1.02 1.32 -8.91
C LEU A 7 1.87 1.89 -7.76
N PHE A 8 1.23 2.33 -6.68
CA PHE A 8 2.02 3.00 -5.63
C PHE A 8 2.42 2.08 -4.45
N ALA A 9 3.71 2.08 -4.09
CA ALA A 9 4.26 1.41 -2.90
C ALA A 9 3.48 1.55 -1.59
N GLY A 10 3.51 0.47 -0.80
CA GLY A 10 3.02 0.44 0.58
C GLY A 10 4.06 0.39 1.68
N GLN A 11 3.56 0.40 2.91
CA GLN A 11 4.40 0.37 4.10
C GLN A 11 5.29 -0.87 4.04
N GLY A 12 6.54 -0.77 4.52
CA GLY A 12 7.46 -1.91 4.48
C GLY A 12 8.54 -1.72 3.40
N ALA A 13 8.28 -0.89 2.40
CA ALA A 13 9.27 -0.73 1.31
C ALA A 13 10.26 0.43 1.56
N GLN A 14 10.04 1.22 2.59
CA GLN A 14 10.94 2.34 2.88
C GLN A 14 12.42 1.91 3.09
N TYR A 15 13.37 2.82 2.91
CA TYR A 15 14.78 2.52 3.26
C TYR A 15 15.45 3.84 3.52
N LEU A 16 16.56 3.80 4.26
CA LEU A 16 17.18 5.05 4.65
C LEU A 16 17.68 5.73 3.38
N GLY A 17 17.41 7.02 3.27
CA GLY A 17 17.87 7.83 2.16
C GLY A 17 17.01 7.79 0.91
N MET A 18 15.88 7.07 0.92
CA MET A 18 15.05 6.94 -0.30
C MET A 18 14.66 8.30 -0.89
N GLY A 19 14.76 8.42 -2.20
CA GLY A 19 14.40 9.67 -2.85
C GLY A 19 15.43 10.78 -2.76
N ARG A 20 16.55 10.55 -2.07
CA ARG A 20 17.51 11.67 -1.85
C ARG A 20 18.19 12.12 -3.14
N ASP A 21 18.58 11.16 -4.01
CA ASP A 21 19.09 11.47 -5.35
C ASP A 21 18.13 12.41 -6.14
N PHE A 22 16.86 12.03 -6.22
CA PHE A 22 15.85 12.85 -6.87
C PHE A 22 15.74 14.20 -6.19
N TYR A 23 15.79 14.23 -4.85
CA TYR A 23 15.59 15.45 -4.05
C TYR A 23 16.58 16.59 -4.36
N ASP A 24 17.86 16.23 -4.45
CA ASP A 24 18.92 17.17 -4.77
C ASP A 24 18.90 17.62 -6.24
N GLN A 25 18.47 16.72 -7.12
CA GLN A 25 18.55 16.92 -8.56
C GLN A 25 17.34 17.60 -9.19
N TYR A 26 16.16 17.35 -8.64
CA TYR A 26 14.90 17.79 -9.23
C TYR A 26 14.11 18.73 -8.29
N PRO A 27 14.02 20.04 -8.61
CA PRO A 27 13.20 20.91 -7.72
C PRO A 27 11.75 20.46 -7.46
N ILE A 28 11.11 19.78 -8.40
CA ILE A 28 9.73 19.32 -8.15
C ILE A 28 9.75 18.34 -6.96
N VAL A 29 10.83 17.58 -6.83
CA VAL A 29 11.03 16.63 -5.68
C VAL A 29 11.29 17.34 -4.32
N LYS A 30 12.25 18.27 -4.31
CA LYS A 30 12.59 19.04 -3.12
C LYS A 30 11.35 19.75 -2.63
N GLU A 31 10.66 20.45 -3.53
CA GLU A 31 9.42 21.12 -3.18
C GLU A 31 8.43 20.15 -2.55
N THR A 32 8.18 18.99 -3.17
CA THR A 32 7.21 18.03 -2.60
C THR A 32 7.59 17.59 -1.14
N ILE A 33 8.85 17.23 -0.91
CA ILE A 33 9.29 16.77 0.43
C ILE A 33 9.24 17.91 1.45
N ASP A 34 9.74 19.11 1.09
CA ASP A 34 9.73 20.27 2.02
C ASP A 34 8.29 20.72 2.35
N ARG A 35 7.38 20.66 1.38
CA ARG A 35 5.95 20.81 1.67
C ARG A 35 5.42 19.79 2.71
N ALA A 36 5.88 18.53 2.66
CA ALA A 36 5.39 17.56 3.62
C ALA A 36 6.01 17.91 4.97
N SER A 37 7.25 18.37 4.95
CA SER A 37 7.94 18.72 6.20
C SER A 37 7.19 19.81 6.91
N GLN A 38 6.82 20.90 6.20
CA GLN A 38 5.93 21.92 6.76
C GLN A 38 4.65 21.37 7.37
N VAL A 39 3.91 20.53 6.64
CA VAL A 39 2.65 20.01 7.19
C VAL A 39 2.89 19.26 8.51
N LEU A 40 3.95 18.45 8.51
CA LEU A 40 4.28 17.59 9.65
C LEU A 40 4.82 18.31 10.91
N GLY A 41 5.50 19.44 10.76
CA GLY A 41 6.10 20.13 11.92
C GLY A 41 7.46 19.55 12.29
N TYR A 42 8.09 18.84 11.34
CA TYR A 42 9.46 18.28 11.51
C TYR A 42 10.08 17.99 10.13
N ASP A 43 11.41 17.91 10.14
CA ASP A 43 12.18 17.78 8.93
C ASP A 43 12.05 16.32 8.47
N LEU A 44 11.15 16.05 7.51
CA LEU A 44 11.00 14.68 6.95
C LEU A 44 12.22 14.20 6.14
N ARG A 45 12.92 15.14 5.50
CA ARG A 45 14.06 14.77 4.68
C ARG A 45 15.18 14.19 5.59
N TYR A 46 15.45 14.92 6.68
CA TYR A 46 16.39 14.46 7.71
C TYR A 46 15.95 13.12 8.33
N LEU A 47 14.65 12.99 8.65
CA LEU A 47 14.15 11.69 9.15
C LEU A 47 14.47 10.58 8.18
N ILE A 48 14.13 10.79 6.91
CA ILE A 48 14.33 9.74 5.92
C ILE A 48 15.83 9.37 5.76
N ASP A 49 16.68 10.39 5.82
CA ASP A 49 18.09 10.24 5.58
C ASP A 49 18.94 9.72 6.78
N THR A 50 18.43 9.89 8.01
CA THR A 50 19.30 9.73 9.19
C THR A 50 18.65 8.98 10.37
N GLU A 51 17.33 8.98 10.48
CA GLU A 51 16.69 8.35 11.63
C GLU A 51 16.11 7.02 11.19
N GLU A 52 16.90 5.96 11.28
CA GLU A 52 16.44 4.72 10.75
C GLU A 52 15.30 4.10 11.60
N ASP A 53 15.36 4.21 12.92
CA ASP A 53 14.31 3.63 13.74
C ASP A 53 12.97 4.35 13.59
N LYS A 54 13.01 5.66 13.51
CA LYS A 54 11.78 6.40 13.30
C LYS A 54 11.19 6.09 11.91
N LEU A 55 12.07 5.96 10.92
CA LEU A 55 11.64 5.69 9.54
C LEU A 55 10.81 4.40 9.52
N ASN A 56 11.19 3.42 10.36
CA ASN A 56 10.54 2.12 10.47
C ASN A 56 9.37 2.10 11.48
N GLN A 57 9.11 3.24 12.14
CA GLN A 57 7.93 3.43 13.01
C GLN A 57 6.69 3.96 12.26
N THR A 58 5.65 3.13 12.21
CA THR A 58 4.43 3.34 11.43
C THR A 58 3.96 4.80 11.29
N ARG A 59 3.91 5.55 12.38
CA ARG A 59 3.42 6.92 12.32
C ARG A 59 4.33 7.85 11.46
N TYR A 60 5.62 7.48 11.30
CA TYR A 60 6.54 8.22 10.41
C TYR A 60 6.70 7.51 9.05
N THR A 61 6.66 6.20 9.04
CA THR A 61 6.75 5.48 7.77
C THR A 61 5.70 5.94 6.77
N GLN A 62 4.45 6.08 7.25
CA GLN A 62 3.35 6.35 6.32
C GLN A 62 3.52 7.67 5.59
N PRO A 63 3.74 8.79 6.33
CA PRO A 63 3.97 10.08 5.58
C PRO A 63 5.32 10.10 4.86
N ALA A 64 6.30 9.34 5.34
CA ALA A 64 7.59 9.30 4.65
C ALA A 64 7.44 8.72 3.28
N ILE A 65 6.81 7.54 3.20
CA ILE A 65 6.59 6.87 1.92
C ILE A 65 5.64 7.72 1.06
N LEU A 66 4.53 8.18 1.64
CA LEU A 66 3.59 8.94 0.80
C LEU A 66 4.25 10.16 0.11
N ALA A 67 5.03 10.92 0.87
CA ALA A 67 5.70 12.11 0.36
C ALA A 67 6.70 11.70 -0.70
N THR A 68 7.45 10.63 -0.44
CA THR A 68 8.44 10.13 -1.39
C THR A 68 7.80 9.65 -2.68
N SER A 69 6.79 8.81 -2.56
CA SER A 69 6.01 8.36 -3.71
C SER A 69 5.37 9.46 -4.52
N VAL A 70 4.61 10.35 -3.86
CA VAL A 70 4.02 11.52 -4.57
C VAL A 70 5.09 12.30 -5.32
N ALA A 71 6.23 12.52 -4.67
CA ALA A 71 7.36 13.21 -5.36
C ALA A 71 7.85 12.46 -6.62
N ILE A 72 7.99 11.14 -6.53
CA ILE A 72 8.40 10.33 -7.68
C ILE A 72 7.34 10.39 -8.82
N TYR A 73 6.08 10.30 -8.45
CA TYR A 73 5.00 10.42 -9.45
C TYR A 73 5.05 11.78 -10.12
N ARG A 74 5.21 12.85 -9.31
CA ARG A 74 5.31 14.20 -9.83
C ARG A 74 6.52 14.38 -10.75
N LEU A 75 7.63 13.73 -10.42
CA LEU A 75 8.79 13.71 -11.32
C LEU A 75 8.45 13.04 -12.67
N LEU A 76 7.86 11.84 -12.61
CA LEU A 76 7.40 11.15 -13.80
C LEU A 76 6.51 12.08 -14.65
N GLN A 77 5.61 12.84 -14.01
CA GLN A 77 4.76 13.81 -14.70
C GLN A 77 5.55 14.87 -15.49
N GLU A 78 6.58 15.42 -14.86
CA GLU A 78 7.53 16.33 -15.51
C GLU A 78 8.28 15.73 -16.70
N LYS A 79 8.64 14.44 -16.65
CA LYS A 79 9.28 13.73 -17.80
C LYS A 79 8.26 13.25 -18.88
N GLY A 80 6.99 13.62 -18.71
CA GLY A 80 5.94 13.34 -19.68
C GLY A 80 5.15 12.05 -19.56
N TYR A 81 5.22 11.36 -18.40
CA TYR A 81 4.33 10.20 -18.11
C TYR A 81 3.15 10.60 -17.27
N GLN A 82 1.95 10.38 -17.80
CA GLN A 82 0.72 10.67 -17.11
C GLN A 82 -0.04 9.32 -16.99
N PRO A 83 -0.51 8.92 -15.77
CA PRO A 83 -1.22 7.62 -15.73
C PRO A 83 -2.66 7.65 -16.23
N ASP A 84 -3.16 6.52 -16.73
CA ASP A 84 -4.57 6.42 -17.15
C ASP A 84 -5.44 5.87 -16.02
N MET A 85 -4.81 5.11 -15.13
CA MET A 85 -5.47 4.55 -13.93
C MET A 85 -4.42 4.43 -12.83
N VAL A 86 -4.86 4.46 -11.57
CA VAL A 86 -3.93 4.28 -10.44
C VAL A 86 -4.47 3.26 -9.42
N ALA A 87 -3.57 2.79 -8.54
CA ALA A 87 -3.89 1.95 -7.40
C ALA A 87 -2.62 2.02 -6.53
N GLY A 88 -2.73 1.64 -5.28
CA GLY A 88 -1.55 1.64 -4.38
C GLY A 88 -1.83 0.66 -3.26
N LEU A 89 -0.76 0.07 -2.70
CA LEU A 89 -0.90 -0.95 -1.67
C LEU A 89 -1.10 -0.30 -0.32
N SER A 90 -2.28 -0.34 0.19
CA SER A 90 -2.65 0.13 1.54
C SER A 90 -2.38 1.56 1.79
N LEU A 91 -1.29 1.83 2.38
CA LEU A 91 -0.84 3.23 2.45
C LEU A 91 -0.71 3.78 1.03
N GLY A 92 -0.23 2.95 0.10
CA GLY A 92 -0.11 3.42 -1.31
C GLY A 92 -1.44 3.84 -1.98
N GLU A 93 -2.55 3.52 -1.35
CA GLU A 93 -3.84 3.93 -1.89
C GLU A 93 -3.99 5.43 -1.74
N TYR A 94 -3.37 5.97 -0.70
CA TYR A 94 -3.48 7.42 -0.41
C TYR A 94 -2.64 8.21 -1.38
N SER A 95 -1.45 7.68 -1.67
CA SER A 95 -0.56 8.25 -2.71
C SER A 95 -1.29 8.33 -4.07
N ALA A 96 -1.98 7.22 -4.42
CA ALA A 96 -2.84 7.04 -5.60
C ALA A 96 -4.04 8.00 -5.57
N LEU A 97 -4.63 8.22 -4.39
CA LEU A 97 -5.69 9.24 -4.23
C LEU A 97 -5.18 10.62 -4.57
N VAL A 98 -3.96 10.93 -4.15
CA VAL A 98 -3.31 12.19 -4.53
C VAL A 98 -3.03 12.26 -6.03
N ALA A 99 -2.45 11.21 -6.59
CA ALA A 99 -2.21 11.16 -8.02
C ALA A 99 -3.51 11.22 -8.84
N SER A 100 -4.62 10.71 -8.31
CA SER A 100 -5.83 10.61 -9.09
C SER A 100 -6.64 11.87 -9.01
N GLY A 101 -6.10 12.87 -8.30
CA GLY A 101 -6.69 14.21 -8.22
C GLY A 101 -7.68 14.34 -7.08
N ALA A 102 -8.14 13.22 -6.52
CA ALA A 102 -9.17 13.26 -5.48
C ALA A 102 -8.74 13.78 -4.09
N LEU A 103 -7.49 13.54 -3.72
CA LEU A 103 -6.98 13.99 -2.40
C LEU A 103 -5.86 15.04 -2.56
N ASP A 104 -6.00 16.19 -1.89
CA ASP A 104 -4.94 17.22 -1.88
C ASP A 104 -3.66 16.67 -1.21
N PHE A 105 -2.52 17.03 -1.75
CA PHE A 105 -1.30 16.47 -1.26
C PHE A 105 -1.05 16.80 0.23
N GLU A 106 -1.12 18.08 0.57
CA GLU A 106 -0.95 18.53 1.97
C GLU A 106 -1.98 17.90 2.93
N ASP A 107 -3.22 17.78 2.49
CA ASP A 107 -4.24 17.01 3.21
C ASP A 107 -3.81 15.54 3.47
N ALA A 108 -3.24 14.91 2.42
CA ALA A 108 -2.82 13.52 2.46
C ALA A 108 -1.76 13.34 3.52
N VAL A 109 -0.76 14.21 3.49
CA VAL A 109 0.34 14.12 4.42
C VAL A 109 -0.17 14.15 5.86
N ALA A 110 -1.04 15.13 6.21
CA ALA A 110 -1.51 15.17 7.59
C ALA A 110 -2.34 13.90 7.91
N LEU A 111 -3.16 13.47 6.95
CA LEU A 111 -4.09 12.39 7.17
C LEU A 111 -3.40 11.06 7.39
N VAL A 112 -2.31 10.80 6.64
CA VAL A 112 -1.59 9.52 6.83
C VAL A 112 -0.73 9.52 8.12
N ALA A 113 -0.25 10.69 8.57
CA ALA A 113 0.41 10.77 9.88
C ALA A 113 -0.54 10.33 10.98
N LYS A 114 -1.82 10.70 10.86
CA LYS A 114 -2.86 10.27 11.81
C LYS A 114 -3.21 8.80 11.64
N ARG A 115 -3.43 8.38 10.38
CA ARG A 115 -3.67 6.97 10.03
C ARG A 115 -2.59 6.07 10.63
N GLY A 116 -1.33 6.46 10.42
CA GLY A 116 -0.17 5.67 10.96
C GLY A 116 -0.23 5.49 12.48
N ALA A 117 -0.38 6.62 13.16
CA ALA A 117 -0.60 6.68 14.60
C ALA A 117 -1.71 5.73 15.02
N TYR A 118 -2.91 5.84 14.44
CA TYR A 118 -4.06 5.02 14.86
C TYR A 118 -3.79 3.55 14.66
N MET A 119 -3.14 3.19 13.55
CA MET A 119 -2.82 1.78 13.22
C MET A 119 -1.81 1.20 14.19
N GLU A 120 -0.76 1.98 14.48
CA GLU A 120 0.33 1.62 15.41
C GLU A 120 -0.18 1.37 16.83
N GLU A 121 -1.01 2.28 17.34
CA GLU A 121 -1.56 2.12 18.71
C GLU A 121 -2.54 0.95 18.79
N ALA A 122 -3.37 0.77 17.77
CA ALA A 122 -4.39 -0.24 17.81
C ALA A 122 -3.76 -1.62 17.57
N ALA A 123 -2.67 -1.67 16.80
CA ALA A 123 -2.06 -2.95 16.48
C ALA A 123 -0.53 -2.81 16.42
N PRO A 124 0.19 -2.92 17.58
CA PRO A 124 1.65 -2.64 17.47
C PRO A 124 2.42 -3.65 16.57
N ALA A 125 3.60 -3.26 16.08
CA ALA A 125 4.35 -4.00 15.04
C ALA A 125 4.71 -5.43 15.41
N ASP A 126 4.87 -5.69 16.70
CA ASP A 126 5.21 -7.03 17.13
C ASP A 126 3.99 -7.86 17.61
N SER A 127 2.79 -7.26 17.68
CA SER A 127 1.59 -7.98 18.20
C SER A 127 0.97 -8.91 17.11
N GLY A 128 0.02 -9.78 17.48
CA GLY A 128 -0.57 -10.76 16.54
C GLY A 128 0.35 -11.56 15.59
N LYS A 129 -0.17 -12.07 14.49
CA LYS A 129 0.67 -12.92 13.63
C LYS A 129 0.23 -12.73 12.17
N MET A 130 1.13 -13.05 11.22
CA MET A 130 0.95 -12.94 9.76
C MET A 130 1.70 -14.06 9.08
N VAL A 131 1.02 -14.81 8.22
CA VAL A 131 1.72 -15.88 7.57
C VAL A 131 1.44 -15.71 6.13
N ALA A 132 2.46 -15.76 5.28
CA ALA A 132 2.22 -15.85 3.83
C ALA A 132 2.00 -17.31 3.46
N VAL A 133 0.83 -17.57 2.88
CA VAL A 133 0.46 -18.90 2.40
C VAL A 133 0.68 -18.97 0.89
N LEU A 134 1.76 -19.64 0.50
CA LEU A 134 2.16 -19.75 -0.90
C LEU A 134 1.58 -20.98 -1.58
N ASN A 135 1.20 -20.84 -2.85
CA ASN A 135 0.71 -21.96 -3.64
C ASN A 135 -0.34 -22.87 -3.00
N THR A 136 -1.48 -22.27 -2.61
CA THR A 136 -2.68 -23.02 -2.21
C THR A 136 -3.92 -22.29 -2.71
N PRO A 137 -4.96 -23.03 -3.13
CA PRO A 137 -6.16 -22.37 -3.66
C PRO A 137 -6.78 -21.40 -2.65
N VAL A 138 -7.29 -20.26 -3.13
CA VAL A 138 -7.89 -19.25 -2.22
C VAL A 138 -8.97 -19.84 -1.31
N GLU A 139 -9.78 -20.74 -1.87
CA GLU A 139 -10.93 -21.34 -1.17
C GLU A 139 -10.46 -22.02 0.11
N VAL A 140 -9.39 -22.78 -0.04
CA VAL A 140 -8.76 -23.54 1.06
C VAL A 140 -8.31 -22.66 2.19
N ILE A 141 -7.75 -21.48 1.84
CA ILE A 141 -7.18 -20.58 2.82
C ILE A 141 -8.30 -19.91 3.59
N GLU A 142 -9.32 -19.47 2.84
CA GLU A 142 -10.52 -18.85 3.40
C GLU A 142 -11.25 -19.81 4.35
N GLU A 143 -11.48 -21.03 3.90
CA GLU A 143 -12.07 -22.10 4.74
C GLU A 143 -11.24 -22.40 5.99
N ALA A 144 -9.95 -22.60 5.81
CA ALA A 144 -9.09 -22.83 6.96
C ALA A 144 -9.23 -21.69 7.99
N CYS A 145 -9.21 -20.44 7.51
CA CYS A 145 -9.33 -19.29 8.40
C CYS A 145 -10.71 -19.21 9.08
N GLN A 146 -11.73 -19.61 8.32
CA GLN A 146 -13.07 -19.70 8.87
C GLN A 146 -13.21 -20.70 10.01
N LYS A 147 -12.80 -21.95 9.82
CA LYS A 147 -12.78 -22.93 10.92
C LYS A 147 -12.00 -22.40 12.14
N ALA A 148 -10.85 -21.78 11.88
CA ALA A 148 -10.00 -21.30 12.96
C ALA A 148 -10.54 -20.09 13.73
N SER A 149 -11.51 -19.36 13.14
CA SER A 149 -12.07 -18.10 13.70
C SER A 149 -12.84 -18.21 15.01
N GLU A 150 -13.22 -19.44 15.32
CA GLU A 150 -13.82 -19.72 16.59
C GLU A 150 -12.85 -19.40 17.72
N LEU A 151 -11.57 -19.62 17.41
CA LEU A 151 -10.51 -19.42 18.37
C LEU A 151 -10.03 -17.95 18.48
N GLY A 152 -10.62 -17.01 17.70
CA GLY A 152 -10.23 -15.59 17.61
C GLY A 152 -10.09 -15.04 16.17
N VAL A 153 -9.79 -13.75 16.03
CA VAL A 153 -9.53 -13.15 14.70
C VAL A 153 -8.42 -13.80 13.87
N VAL A 154 -8.79 -14.41 12.75
CA VAL A 154 -7.86 -14.82 11.69
C VAL A 154 -8.52 -14.73 10.31
N THR A 155 -8.07 -13.83 9.45
CA THR A 155 -8.60 -13.80 8.04
C THR A 155 -7.50 -13.55 7.01
N PRO A 156 -7.76 -13.84 5.72
CA PRO A 156 -6.78 -13.35 4.75
C PRO A 156 -6.71 -11.83 4.82
N ALA A 157 -5.50 -11.28 4.86
CA ALA A 157 -5.24 -9.84 4.94
C ALA A 157 -4.82 -9.28 3.56
N ASN A 158 -3.97 -10.02 2.83
CA ASN A 158 -3.44 -9.50 1.59
C ASN A 158 -3.58 -10.53 0.51
N TYR A 159 -4.46 -10.28 -0.45
CA TYR A 159 -4.53 -11.12 -1.66
C TYR A 159 -3.54 -10.56 -2.69
N ASN A 160 -2.30 -11.02 -2.63
CA ASN A 160 -1.23 -10.50 -3.52
C ASN A 160 -1.23 -11.08 -4.94
N THR A 161 -1.14 -12.41 -5.04
CA THR A 161 -1.27 -13.16 -6.30
C THR A 161 -2.20 -14.37 -6.06
N PRO A 162 -2.68 -15.05 -7.15
CA PRO A 162 -3.47 -16.26 -6.91
C PRO A 162 -2.70 -17.34 -6.12
N ALA A 163 -1.37 -17.22 -6.07
CA ALA A 163 -0.53 -18.19 -5.31
C ALA A 163 0.25 -17.55 -4.13
N GLN A 164 -0.27 -16.43 -3.62
CA GLN A 164 0.41 -15.71 -2.56
C GLN A 164 -0.60 -14.91 -1.75
N ILE A 165 -1.06 -15.49 -0.65
CA ILE A 165 -2.07 -14.84 0.19
C ILE A 165 -1.61 -14.82 1.63
N VAL A 166 -1.57 -13.62 2.21
CA VAL A 166 -1.20 -13.51 3.58
C VAL A 166 -2.45 -13.52 4.46
N ILE A 167 -2.45 -14.41 5.46
CA ILE A 167 -3.47 -14.42 6.50
C ILE A 167 -2.94 -13.66 7.70
N ALA A 168 -3.82 -13.00 8.45
CA ALA A 168 -3.39 -12.30 9.63
C ALA A 168 -4.42 -12.41 10.79
N GLY A 169 -3.99 -12.02 11.99
CA GLY A 169 -4.88 -11.87 13.16
C GLY A 169 -4.17 -12.19 14.46
N GLU A 170 -4.90 -12.80 15.43
CA GLU A 170 -4.33 -13.11 16.76
C GLU A 170 -3.52 -14.43 16.78
N VAL A 171 -2.57 -14.51 17.71
CA VAL A 171 -1.57 -15.60 17.66
C VAL A 171 -2.21 -16.96 17.64
N VAL A 172 -3.03 -17.28 18.64
CA VAL A 172 -3.55 -18.64 18.79
C VAL A 172 -4.43 -19.00 17.60
N ALA A 173 -5.25 -18.02 17.18
CA ALA A 173 -6.14 -18.21 16.04
C ALA A 173 -5.35 -18.43 14.75
N VAL A 174 -4.27 -17.66 14.54
CA VAL A 174 -3.49 -17.85 13.30
C VAL A 174 -2.73 -19.19 13.27
N ASP A 175 -2.19 -19.59 14.44
CA ASP A 175 -1.54 -20.92 14.63
C ASP A 175 -2.53 -22.03 14.28
N ARG A 176 -3.81 -21.89 14.67
CA ARG A 176 -4.83 -22.93 14.39
C ARG A 176 -5.07 -22.98 12.88
N ALA A 177 -5.22 -21.80 12.25
CA ALA A 177 -5.28 -21.67 10.77
C ALA A 177 -4.15 -22.38 9.99
N VAL A 178 -2.88 -22.20 10.33
CA VAL A 178 -1.79 -22.88 9.59
C VAL A 178 -1.79 -24.39 9.80
N GLU A 179 -2.18 -24.81 11.01
CA GLU A 179 -2.32 -26.25 11.32
C GLU A 179 -3.36 -26.79 10.37
N LEU A 180 -4.47 -26.07 10.21
CA LEU A 180 -5.49 -26.55 9.29
C LEU A 180 -4.94 -26.52 7.87
N LEU A 181 -4.15 -25.49 7.52
CA LEU A 181 -3.53 -25.42 6.17
C LEU A 181 -2.53 -26.58 5.89
N GLN A 182 -1.64 -26.88 6.83
CA GLN A 182 -0.68 -28.00 6.66
C GLN A 182 -1.45 -29.31 6.42
N GLU A 183 -2.42 -29.58 7.28
CA GLU A 183 -3.28 -30.75 7.11
C GLU A 183 -3.82 -30.79 5.69
N ALA A 184 -4.51 -29.71 5.31
CA ALA A 184 -5.00 -29.55 3.92
C ALA A 184 -3.92 -29.72 2.85
N GLY A 185 -2.66 -29.66 3.27
CA GLY A 185 -1.56 -29.92 2.35
C GLY A 185 -0.73 -28.74 1.90
N ALA A 186 -0.95 -27.56 2.51
CA ALA A 186 -0.11 -26.39 2.24
C ALA A 186 1.35 -26.69 2.55
N LYS A 187 2.21 -26.44 1.58
CA LYS A 187 3.63 -26.85 1.63
C LYS A 187 4.52 -25.71 2.17
N ARG A 188 4.08 -24.49 1.86
CA ARG A 188 4.90 -23.32 2.04
C ARG A 188 4.11 -22.21 2.77
N LEU A 189 4.43 -22.05 4.05
CA LEU A 189 3.79 -21.13 4.95
C LEU A 189 4.92 -20.31 5.56
N ILE A 190 4.96 -19.03 5.25
CA ILE A 190 6.07 -18.22 5.73
C ILE A 190 5.65 -17.22 6.78
N PRO A 191 6.00 -17.46 8.07
CA PRO A 191 5.74 -16.41 9.06
C PRO A 191 6.41 -15.08 8.69
N LEU A 192 5.73 -13.97 8.97
CA LEU A 192 6.23 -12.65 8.65
C LEU A 192 6.36 -11.75 9.89
N LYS A 193 7.45 -10.99 10.02
CA LYS A 193 7.60 -10.01 11.11
C LYS A 193 7.66 -8.54 10.58
N VAL A 194 6.53 -8.05 10.05
CA VAL A 194 6.47 -6.80 9.25
C VAL A 194 5.65 -5.69 9.94
N SER A 195 4.54 -6.07 10.58
CA SER A 195 3.62 -5.08 11.17
C SER A 195 2.59 -5.79 12.05
N GLY A 196 1.76 -5.00 12.74
CA GLY A 196 0.61 -5.55 13.41
C GLY A 196 -0.30 -6.28 12.43
N PRO A 197 -1.31 -7.02 12.96
CA PRO A 197 -2.18 -7.74 12.01
C PRO A 197 -3.19 -6.79 11.31
N PHE A 198 -2.69 -5.90 10.44
CA PHE A 198 -3.45 -4.91 9.68
C PHE A 198 -4.39 -5.64 8.71
N HIS A 199 -5.51 -5.00 8.35
CA HIS A 199 -6.48 -5.53 7.35
C HIS A 199 -7.27 -6.76 7.87
N THR A 200 -7.53 -6.74 9.19
CA THR A 200 -8.41 -7.66 9.93
C THR A 200 -9.30 -6.82 10.91
N SER A 201 -10.37 -7.42 11.44
CA SER A 201 -11.21 -6.74 12.46
C SER A 201 -10.47 -6.21 13.69
N LEU A 202 -9.28 -6.75 13.96
CA LEU A 202 -8.49 -6.23 15.09
C LEU A 202 -8.30 -4.74 14.92
N LEU A 203 -8.38 -4.26 13.68
CA LEU A 203 -8.15 -2.84 13.44
C LEU A 203 -9.40 -1.99 13.50
N GLU A 204 -10.52 -2.59 13.88
CA GLU A 204 -11.80 -1.86 13.99
C GLU A 204 -11.69 -0.59 14.86
N PRO A 205 -11.07 -0.68 16.05
CA PRO A 205 -10.78 0.56 16.80
C PRO A 205 -10.00 1.63 15.98
N ALA A 206 -8.99 1.20 15.24
CA ALA A 206 -8.27 2.14 14.38
C ALA A 206 -9.27 2.81 13.40
N SER A 207 -10.07 1.98 12.74
CA SER A 207 -10.98 2.45 11.68
C SER A 207 -12.01 3.50 12.14
N GLN A 208 -12.36 3.45 13.44
CA GLN A 208 -13.30 4.41 14.07
C GLN A 208 -12.70 5.76 14.21
N LYS A 209 -11.44 5.78 14.63
CA LYS A 209 -10.74 7.04 14.78
C LYS A 209 -10.51 7.63 13.38
N LEU A 210 -10.27 6.74 12.39
CA LEU A 210 -9.84 7.21 11.09
C LEU A 210 -11.09 7.79 10.44
N ALA A 211 -12.24 7.16 10.71
CA ALA A 211 -13.53 7.64 10.14
C ALA A 211 -13.89 9.06 10.61
N GLU A 212 -13.60 9.36 11.89
CA GLU A 212 -13.79 10.69 12.42
C GLU A 212 -12.85 11.65 11.69
N THR A 213 -11.60 11.22 11.47
CA THR A 213 -10.60 12.11 10.87
C THR A 213 -10.99 12.35 9.43
N LEU A 214 -11.43 11.28 8.76
CA LEU A 214 -11.79 11.35 7.34
C LEU A 214 -12.99 12.28 7.10
N ALA A 215 -13.97 12.25 8.00
CA ALA A 215 -15.14 13.16 7.90
C ALA A 215 -14.75 14.65 7.70
N GLN A 216 -13.59 15.01 8.25
CA GLN A 216 -13.00 16.34 8.13
C GLN A 216 -12.30 16.60 6.80
N VAL A 217 -12.04 15.54 6.04
CA VAL A 217 -11.26 15.67 4.82
C VAL A 217 -12.24 15.84 3.69
N SER A 218 -11.94 16.82 2.86
CA SER A 218 -12.80 17.19 1.80
C SER A 218 -12.17 16.65 0.52
N PHE A 219 -12.83 15.69 -0.11
CA PHE A 219 -12.27 15.10 -1.33
C PHE A 219 -12.79 15.86 -2.57
N SER A 220 -12.03 15.81 -3.68
CA SER A 220 -12.37 16.46 -4.98
C SER A 220 -12.76 15.42 -6.00
N ASP A 221 -13.09 15.88 -7.21
CA ASP A 221 -13.37 15.01 -8.34
C ASP A 221 -12.13 14.21 -8.75
N PHE A 222 -12.30 12.94 -9.12
CA PHE A 222 -11.20 12.12 -9.71
C PHE A 222 -10.79 12.67 -11.07
N THR A 223 -9.50 12.87 -11.29
CA THR A 223 -9.06 13.28 -12.59
C THR A 223 -8.62 12.05 -13.36
N CYS A 224 -8.46 10.94 -12.65
CA CYS A 224 -8.26 9.68 -13.33
C CYS A 224 -8.75 8.52 -12.43
N PRO A 225 -9.16 7.40 -13.05
CA PRO A 225 -9.79 6.34 -12.30
C PRO A 225 -8.78 5.69 -11.35
N LEU A 226 -9.24 5.38 -10.15
CA LEU A 226 -8.45 4.67 -9.10
C LEU A 226 -9.16 3.35 -8.76
N VAL A 227 -8.43 2.23 -8.78
CA VAL A 227 -8.95 0.92 -8.38
C VAL A 227 -8.68 0.70 -6.89
N GLY A 228 -9.75 0.67 -6.08
CA GLY A 228 -9.56 0.57 -4.64
C GLY A 228 -9.21 -0.81 -4.12
N ASN A 229 -8.45 -0.84 -3.02
CA ASN A 229 -7.98 -2.08 -2.40
C ASN A 229 -9.12 -2.98 -1.89
N THR A 230 -10.14 -2.33 -1.33
CA THR A 230 -11.18 -3.03 -0.56
C THR A 230 -12.13 -3.77 -1.50
N GLU A 231 -12.67 -3.02 -2.47
CA GLU A 231 -13.68 -3.57 -3.37
C GLU A 231 -13.10 -4.08 -4.68
N ALA A 232 -11.81 -3.84 -4.90
CA ALA A 232 -11.15 -4.14 -6.19
C ALA A 232 -12.04 -3.59 -7.31
N ALA A 233 -12.38 -2.31 -7.23
CA ALA A 233 -13.24 -1.67 -8.22
C ALA A 233 -12.85 -0.21 -8.32
N VAL A 234 -13.27 0.47 -9.38
CA VAL A 234 -12.93 1.89 -9.59
C VAL A 234 -13.69 2.65 -8.54
N MET A 235 -12.98 3.45 -7.78
CA MET A 235 -13.58 4.17 -6.67
C MET A 235 -14.38 5.42 -7.12
N GLN A 236 -15.50 5.66 -6.45
CA GLN A 236 -16.42 6.79 -6.69
C GLN A 236 -16.26 7.78 -5.59
N LYS A 237 -16.36 9.07 -5.92
CA LYS A 237 -16.01 10.17 -5.02
C LYS A 237 -16.81 10.11 -3.73
N GLU A 238 -18.09 9.74 -3.85
CA GLU A 238 -19.00 9.83 -2.72
C GLU A 238 -18.72 8.70 -1.72
N ASP A 239 -17.88 7.73 -2.11
CA ASP A 239 -17.56 6.56 -1.28
C ASP A 239 -16.18 6.58 -0.65
N ILE A 240 -15.26 7.42 -1.14
CA ILE A 240 -13.88 7.41 -0.60
C ILE A 240 -13.75 7.18 0.95
N ALA A 241 -14.36 8.03 1.79
CA ALA A 241 -14.09 7.95 3.24
C ALA A 241 -14.60 6.66 3.85
N GLN A 242 -15.78 6.22 3.39
CA GLN A 242 -16.37 4.96 3.83
C GLN A 242 -15.41 3.82 3.47
N LEU A 243 -14.81 3.90 2.28
CA LEU A 243 -13.94 2.85 1.80
C LEU A 243 -12.58 2.87 2.53
N LEU A 244 -12.04 4.08 2.81
CA LEU A 244 -10.77 4.18 3.51
C LEU A 244 -10.95 3.75 4.97
N THR A 245 -12.10 4.07 5.53
CA THR A 245 -12.50 3.57 6.81
C THR A 245 -12.42 2.06 6.89
N ARG A 246 -13.02 1.34 5.94
CA ARG A 246 -12.97 -0.14 5.92
C ARG A 246 -11.61 -0.72 5.51
N GLN A 247 -10.89 -0.01 4.64
CA GLN A 247 -9.62 -0.50 4.12
C GLN A 247 -8.66 -1.02 5.20
N VAL A 248 -8.58 -0.33 6.34
CA VAL A 248 -7.62 -0.67 7.44
C VAL A 248 -8.00 -1.97 8.16
N LYS A 249 -9.27 -2.37 8.05
CA LYS A 249 -9.76 -3.55 8.75
C LYS A 249 -10.29 -4.64 7.80
N GLU A 250 -10.16 -4.46 6.48
CA GLU A 250 -10.59 -5.49 5.50
C GLU A 250 -9.45 -5.92 4.53
N PRO A 251 -9.59 -7.09 3.86
CA PRO A 251 -8.49 -7.58 2.98
C PRO A 251 -8.13 -6.58 1.86
N VAL A 252 -6.84 -6.42 1.59
CA VAL A 252 -6.35 -5.78 0.35
C VAL A 252 -6.30 -6.77 -0.84
N ARG A 253 -7.06 -6.46 -1.87
CA ARG A 253 -7.29 -7.41 -2.94
C ARG A 253 -6.51 -6.92 -4.15
N PHE A 254 -5.21 -7.23 -4.14
CA PHE A 254 -4.31 -6.68 -5.16
C PHE A 254 -4.52 -7.32 -6.53
N TYR A 255 -4.51 -8.66 -6.64
CA TYR A 255 -4.57 -9.28 -7.98
C TYR A 255 -5.87 -9.02 -8.70
N GLU A 256 -6.96 -8.97 -7.92
CA GLU A 256 -8.27 -8.64 -8.50
C GLU A 256 -8.25 -7.24 -9.05
N SER A 257 -7.61 -6.33 -8.33
CA SER A 257 -7.42 -4.96 -8.80
C SER A 257 -6.61 -4.89 -10.12
N ILE A 258 -5.56 -5.70 -10.23
CA ILE A 258 -4.75 -5.76 -11.46
C ILE A 258 -5.60 -6.31 -12.63
N GLY A 259 -6.48 -7.25 -12.33
CA GLY A 259 -7.49 -7.75 -13.31
C GLY A 259 -8.50 -6.72 -13.83
N VAL A 260 -9.04 -5.87 -12.94
CA VAL A 260 -9.79 -4.69 -13.35
C VAL A 260 -8.99 -3.75 -14.28
N MET A 261 -7.72 -3.47 -13.95
CA MET A 261 -6.93 -2.65 -14.87
C MET A 261 -6.69 -3.35 -16.24
N GLN A 262 -6.35 -4.63 -16.26
CA GLN A 262 -6.20 -5.36 -17.55
C GLN A 262 -7.50 -5.37 -18.36
N GLU A 263 -8.64 -5.62 -17.70
CA GLU A 263 -9.94 -5.40 -18.37
C GLU A 263 -10.18 -3.98 -18.85
N ALA A 264 -9.67 -2.95 -18.14
CA ALA A 264 -9.88 -1.55 -18.62
C ALA A 264 -8.96 -1.29 -19.77
N GLY A 265 -8.28 -2.35 -20.22
CA GLY A 265 -7.34 -2.30 -21.31
C GLY A 265 -5.99 -1.70 -20.98
N ILE A 266 -5.55 -1.71 -19.72
CA ILE A 266 -4.23 -1.11 -19.50
C ILE A 266 -3.10 -2.12 -19.87
N SER A 267 -2.11 -1.68 -20.66
CA SER A 267 -1.02 -2.57 -21.15
C SER A 267 0.30 -2.51 -20.34
N ASN A 268 0.66 -1.31 -19.89
CA ASN A 268 1.93 -0.96 -19.32
C ASN A 268 1.79 -0.68 -17.79
N PHE A 269 2.63 -1.24 -16.94
CA PHE A 269 2.55 -0.93 -15.48
C PHE A 269 3.81 -0.25 -14.96
N ILE A 270 3.66 0.88 -14.24
CA ILE A 270 4.86 1.57 -13.67
C ILE A 270 4.67 1.60 -12.18
N GLU A 271 5.54 0.91 -11.46
CA GLU A 271 5.46 0.93 -10.00
C GLU A 271 6.25 2.13 -9.52
N ILE A 272 5.61 2.98 -8.70
CA ILE A 272 6.22 4.19 -8.19
C ILE A 272 6.88 3.84 -6.86
N GLY A 273 8.16 4.13 -6.66
CA GLY A 273 8.89 3.64 -5.49
C GLY A 273 8.45 4.35 -4.20
N PRO A 274 9.06 4.02 -3.06
CA PRO A 274 10.24 3.13 -2.91
C PRO A 274 9.98 1.68 -3.20
N GLY A 275 11.01 0.95 -3.61
CA GLY A 275 10.87 -0.51 -3.73
C GLY A 275 10.27 -1.01 -5.04
N LYS A 276 10.28 -2.33 -5.20
CA LYS A 276 9.72 -3.04 -6.33
C LYS A 276 8.79 -4.21 -5.91
N VAL A 277 8.04 -4.02 -4.83
CA VAL A 277 7.17 -5.09 -4.30
C VAL A 277 5.96 -5.38 -5.25
N LEU A 278 5.27 -4.34 -5.71
CA LEU A 278 4.12 -4.55 -6.59
C LEU A 278 4.52 -5.16 -7.93
N SER A 279 5.65 -4.69 -8.48
CA SER A 279 6.22 -5.30 -9.69
C SER A 279 6.39 -6.81 -9.58
N GLY A 280 7.02 -7.29 -8.49
CA GLY A 280 7.08 -8.73 -8.19
C GLY A 280 5.75 -9.49 -8.23
N PHE A 281 4.68 -8.88 -7.70
CA PHE A 281 3.31 -9.39 -7.73
C PHE A 281 2.75 -9.41 -9.16
N VAL A 282 2.83 -8.30 -9.91
CA VAL A 282 2.25 -8.24 -11.29
C VAL A 282 2.97 -9.21 -12.31
N LYS A 283 4.24 -9.52 -12.04
CA LYS A 283 5.02 -10.44 -12.85
C LYS A 283 4.47 -11.87 -12.68
N LYS A 284 4.01 -12.21 -11.48
CA LYS A 284 3.39 -13.48 -11.24
C LYS A 284 1.95 -13.47 -11.81
N ILE A 285 1.19 -12.41 -11.56
CA ILE A 285 -0.18 -12.30 -12.13
C ILE A 285 -0.15 -12.42 -13.62
N ASP A 286 0.74 -11.69 -14.27
CA ASP A 286 0.86 -11.75 -15.72
C ASP A 286 2.31 -11.39 -16.15
N GLN A 287 3.15 -12.40 -16.31
CA GLN A 287 4.48 -12.25 -16.92
C GLN A 287 4.53 -11.59 -18.30
N THR A 288 3.43 -11.60 -19.06
CA THR A 288 3.43 -10.87 -20.36
C THR A 288 3.15 -9.37 -20.24
N ALA A 289 2.75 -8.90 -19.05
CA ALA A 289 2.45 -7.47 -18.85
C ALA A 289 3.73 -6.65 -18.88
N HIS A 290 3.67 -5.50 -19.55
CA HIS A 290 4.82 -4.61 -19.57
C HIS A 290 4.96 -3.84 -18.25
N LEU A 291 6.14 -3.91 -17.66
CA LEU A 291 6.32 -3.46 -16.30
C LEU A 291 7.66 -2.78 -16.13
N ALA A 292 7.68 -1.80 -15.21
CA ALA A 292 8.79 -0.96 -14.93
C ALA A 292 8.52 -0.41 -13.53
N HIS A 293 9.57 -0.06 -12.82
CA HIS A 293 9.41 0.64 -11.57
C HIS A 293 10.38 1.80 -11.53
N VAL A 294 10.06 2.85 -10.76
CA VAL A 294 10.97 3.95 -10.57
C VAL A 294 11.07 4.26 -9.09
N GLU A 295 12.28 4.13 -8.52
CA GLU A 295 12.53 4.49 -7.10
C GLU A 295 13.82 5.34 -6.89
N ASP A 296 14.67 5.42 -7.92
CA ASP A 296 16.01 6.05 -7.86
C ASP A 296 16.53 6.46 -9.28
N GLN A 297 17.73 7.02 -9.37
CA GLN A 297 18.19 7.60 -10.65
C GLN A 297 18.31 6.49 -11.67
N ALA A 298 18.93 5.38 -11.28
CA ALA A 298 19.09 4.25 -12.22
C ALA A 298 17.75 3.78 -12.82
N SER A 299 16.77 3.51 -11.96
CA SER A 299 15.45 3.06 -12.43
C SER A 299 14.70 4.12 -13.28
N LEU A 300 14.97 5.39 -13.00
CA LEU A 300 14.37 6.50 -13.77
C LEU A 300 14.91 6.43 -15.22
N VAL A 301 16.23 6.30 -15.35
CA VAL A 301 16.92 6.20 -16.66
C VAL A 301 16.47 4.97 -17.43
N ALA A 302 16.44 3.80 -16.77
CA ALA A 302 15.94 2.57 -17.41
C ALA A 302 14.54 2.74 -18.00
N LEU A 303 13.70 3.55 -17.37
CA LEU A 303 12.36 3.85 -17.86
C LEU A 303 12.44 4.85 -19.00
N LEU A 304 13.11 5.97 -18.72
CA LEU A 304 13.17 7.07 -19.70
C LEU A 304 13.82 6.66 -21.06
N GLU A 305 14.79 5.73 -21.03
CA GLU A 305 15.51 5.35 -22.27
C GLU A 305 14.64 4.61 -23.29
N LYS A 306 13.43 4.24 -22.85
CA LYS A 306 12.40 3.62 -23.70
C LYS A 306 11.48 4.70 -24.32
N LEU A 307 11.65 5.96 -23.90
CA LEU A 307 10.74 7.07 -24.22
C LEU A 307 10.98 7.56 -25.66
#